data_3HG0
#
_entry.id   3HG0
#
_cell.length_a   46.650
_cell.length_b   80.440
_cell.length_c   182.870
_cell.angle_alpha   90.00
_cell.angle_beta   90.00
_cell.angle_gamma   90.00
#
_symmetry.space_group_name_H-M   'P 21 21 21'
#
loop_
_entity.id
_entity.type
_entity.pdbx_description
1 polymer 'Baseplate protein'
2 polymer 'Designed Ankyrin Repeat Protein (DARPin) 20'
3 water water
#
loop_
_entity_poly.entity_id
_entity_poly.type
_entity_poly.pdbx_seq_one_letter_code
_entity_poly.pdbx_strand_id
1 'polypeptide(L)'
;MASIKKVYRGMKNGAETINDDLEAINSELTSGGNVVHKTGDETIAGKKTFTGNVEVNGSLTLPTKSWSGELGGGIILSLR
KKGTTVEYSIGGEISSSILANSNLVNRSVPNEFCPRNRCSLVGHMVGGWNAFHIDIPSSGVCQWFGPTASSGTPRGTGTY
PIDHHHHHH
;
A,B,C
2 'polypeptide(L)'
;MRGSHHHHHHGSDLGKKLLEAARAGQDDEVRILMANGADVNAEDKVGLTPLHLAAMNDHLEIVEVLLKNGADVNAIDAIG
ETPLHLVAMYGHLEIVEVLLKHGADVNAQDKFGKTAFDISIDNGNEDLAEILQKLN
;
D
#
# COMPACT_ATOMS: atom_id res chain seq x y z
N GLY A 33 0.26 30.88 -39.13
CA GLY A 33 1.70 30.80 -39.25
C GLY A 33 2.31 30.24 -37.98
N ASN A 34 2.13 30.98 -36.89
CA ASN A 34 2.52 30.50 -35.58
C ASN A 34 1.34 30.68 -34.64
N VAL A 35 0.17 30.28 -35.11
CA VAL A 35 -1.02 30.32 -34.28
C VAL A 35 -1.50 28.89 -34.19
N VAL A 36 -2.34 28.60 -33.22
CA VAL A 36 -2.85 27.25 -33.03
C VAL A 36 -4.23 27.26 -33.61
N HIS A 37 -4.55 26.23 -34.40
CA HIS A 37 -5.86 26.12 -35.05
C HIS A 37 -6.70 24.97 -34.52
N LYS A 38 -7.96 24.96 -34.92
CA LYS A 38 -8.92 24.04 -34.39
C LYS A 38 -8.93 22.77 -35.20
N THR A 39 -8.02 22.71 -36.16
CA THR A 39 -7.76 21.48 -36.89
C THR A 39 -6.27 21.30 -37.05
N GLY A 40 -5.85 20.09 -37.38
CA GLY A 40 -4.46 19.82 -37.69
C GLY A 40 -3.59 19.40 -36.52
N ASP A 41 -2.66 18.49 -36.79
CA ASP A 41 -1.65 18.11 -35.82
C ASP A 41 -0.69 19.28 -35.68
N GLU A 42 -0.43 19.70 -34.45
CA GLU A 42 0.36 20.91 -34.24
C GLU A 42 1.26 20.78 -33.00
N THR A 43 2.36 21.52 -33.00
CA THR A 43 3.23 21.58 -31.83
C THR A 43 3.24 22.99 -31.30
N ILE A 44 3.13 23.10 -29.97
CA ILE A 44 2.86 24.36 -29.31
C ILE A 44 3.88 24.58 -28.21
N ALA A 45 4.85 25.47 -28.41
CA ALA A 45 5.82 25.80 -27.37
C ALA A 45 5.24 26.89 -26.51
N GLY A 46 5.89 27.21 -25.39
CA GLY A 46 5.42 28.25 -24.51
C GLY A 46 4.71 27.72 -23.27
N LYS A 47 4.72 28.52 -22.22
CA LYS A 47 3.96 28.16 -21.03
C LYS A 47 2.52 28.57 -21.23
N LYS A 48 1.63 27.59 -21.39
CA LYS A 48 0.23 27.91 -21.57
C LYS A 48 -0.57 27.65 -20.29
N THR A 49 -1.30 28.67 -19.87
CA THR A 49 -2.11 28.59 -18.67
C THR A 49 -3.58 28.66 -19.07
N PHE A 50 -4.33 27.61 -18.75
CA PHE A 50 -5.76 27.60 -18.99
C PHE A 50 -6.49 27.97 -17.72
N THR A 51 -7.14 29.13 -17.74
CA THR A 51 -7.86 29.61 -16.59
C THR A 51 -9.23 28.95 -16.52
N GLY A 52 -9.63 28.33 -17.61
CA GLY A 52 -10.95 27.70 -17.65
C GLY A 52 -10.87 26.21 -17.49
N ASN A 53 -11.92 25.52 -17.92
CA ASN A 53 -11.91 24.09 -17.87
C ASN A 53 -11.47 23.50 -19.20
N VAL A 54 -10.72 22.41 -19.11
CA VAL A 54 -10.11 21.76 -20.25
C VAL A 54 -10.55 20.31 -20.29
N GLU A 55 -11.02 19.87 -21.45
CA GLU A 55 -11.41 18.48 -21.65
C GLU A 55 -10.56 17.84 -22.74
N VAL A 56 -10.18 16.59 -22.54
CA VAL A 56 -9.43 15.85 -23.55
C VAL A 56 -10.20 14.57 -23.84
N ASN A 57 -10.81 14.50 -25.03
CA ASN A 57 -11.67 13.38 -25.39
C ASN A 57 -10.92 12.21 -25.98
N GLY A 58 -9.73 12.45 -26.49
CA GLY A 58 -8.82 11.38 -26.89
C GLY A 58 -7.92 10.99 -25.73
N SER A 59 -6.69 10.59 -26.02
CA SER A 59 -5.73 10.25 -24.97
C SER A 59 -4.94 11.47 -24.52
N LEU A 60 -4.38 11.38 -23.31
CA LEU A 60 -3.43 12.37 -22.84
C LEU A 60 -2.15 11.65 -22.49
N THR A 61 -1.07 12.03 -23.14
CA THR A 61 0.20 11.33 -23.02
C THR A 61 1.24 12.25 -22.42
N LEU A 62 1.80 11.81 -21.30
CA LEU A 62 2.93 12.50 -20.66
C LEU A 62 4.16 11.60 -20.64
N PRO A 63 5.34 12.18 -20.39
CA PRO A 63 6.53 11.33 -20.28
C PRO A 63 6.39 10.36 -19.10
N THR A 64 6.85 9.13 -19.30
CA THR A 64 6.85 8.12 -18.26
CA THR A 64 6.87 8.18 -18.21
C THR A 64 8.25 7.57 -18.09
N LYS A 65 8.50 6.94 -16.95
CA LYS A 65 9.74 6.29 -16.67
C LYS A 65 9.39 5.16 -15.70
N SER A 66 9.97 3.99 -15.92
CA SER A 66 9.66 2.80 -15.16
C SER A 66 10.94 2.29 -14.53
N TRP A 67 10.82 1.47 -13.50
CA TRP A 67 11.98 0.89 -12.85
C TRP A 67 11.52 -0.25 -12.00
N SER A 68 12.36 -1.24 -11.87
CA SER A 68 11.99 -2.40 -11.09
C SER A 68 13.22 -3.02 -10.50
N GLY A 69 13.20 -3.41 -9.24
CA GLY A 69 14.27 -4.21 -8.68
C GLY A 69 13.97 -4.82 -7.32
N GLU A 70 14.85 -5.72 -6.87
CA GLU A 70 14.76 -6.35 -5.57
C GLU A 70 15.31 -5.43 -4.48
N LEU A 71 14.43 -4.82 -3.72
CA LEU A 71 14.81 -3.96 -2.61
C LEU A 71 15.68 -4.72 -1.62
N GLY A 72 15.38 -6.01 -1.43
CA GLY A 72 16.07 -6.85 -0.46
C GLY A 72 15.17 -7.94 0.08
N GLY A 73 15.77 -9.04 0.49
CA GLY A 73 15.04 -10.11 1.13
C GLY A 73 14.04 -10.80 0.22
N GLY A 74 14.19 -10.57 -1.07
CA GLY A 74 13.36 -11.21 -2.07
C GLY A 74 12.18 -10.34 -2.44
N ILE A 75 11.97 -9.20 -1.82
CA ILE A 75 10.95 -8.27 -2.16
C ILE A 75 11.08 -7.38 -3.28
N ILE A 76 10.31 -7.42 -4.36
CA ILE A 76 10.44 -6.59 -5.55
C ILE A 76 9.50 -5.39 -5.56
N LEU A 77 10.04 -4.23 -5.93
CA LEU A 77 9.21 -3.04 -6.14
C LEU A 77 9.23 -2.62 -7.58
N SER A 78 8.04 -2.44 -8.18
CA SER A 78 7.98 -1.98 -9.55
C SER A 78 7.32 -0.63 -9.60
N LEU A 79 7.95 0.31 -10.26
CA LEU A 79 7.54 1.71 -10.19
C LEU A 79 7.33 2.25 -11.59
N ARG A 80 6.35 3.11 -11.73
CA ARG A 80 6.23 3.84 -12.96
C ARG A 80 5.84 5.26 -12.67
N LYS A 81 6.65 6.20 -13.14
CA LYS A 81 6.46 7.60 -12.86
C LYS A 81 5.80 8.38 -13.98
N LYS A 82 4.81 9.20 -13.62
CA LYS A 82 4.11 10.07 -14.56
C LYS A 82 3.86 11.42 -13.91
N GLY A 83 4.61 12.42 -14.32
CA GLY A 83 4.56 13.70 -13.66
C GLY A 83 5.19 13.51 -12.29
N THR A 84 4.54 14.04 -11.26
CA THR A 84 5.00 13.94 -9.89
C THR A 84 4.40 12.77 -9.16
N THR A 85 3.65 11.93 -9.87
CA THR A 85 3.04 10.77 -9.19
C THR A 85 3.74 9.49 -9.61
N VAL A 86 3.91 8.54 -8.70
CA VAL A 86 4.54 7.24 -9.00
C VAL A 86 3.57 6.11 -8.70
N GLU A 87 3.33 5.26 -9.68
CA GLU A 87 2.51 4.09 -9.52
C GLU A 87 3.45 2.98 -9.10
N TYR A 88 3.11 2.24 -8.04
CA TYR A 88 4.01 1.20 -7.54
C TYR A 88 3.30 -0.10 -7.44
N SER A 89 4.06 -1.18 -7.43
CA SER A 89 3.47 -2.47 -7.19
C SER A 89 4.46 -3.32 -6.43
N ILE A 90 4.05 -3.84 -5.27
CA ILE A 90 4.95 -4.68 -4.47
C ILE A 90 4.84 -6.11 -4.96
N GLY A 91 5.94 -6.82 -5.09
CA GLY A 91 5.88 -8.17 -5.61
C GLY A 91 6.98 -8.98 -5.01
N GLY A 92 7.21 -10.17 -5.55
CA GLY A 92 8.29 -10.98 -5.05
C GLY A 92 7.87 -12.03 -4.02
N GLU A 93 8.83 -12.47 -3.21
CA GLU A 93 8.66 -13.63 -2.34
C GLU A 93 9.74 -13.53 -1.28
N ILE A 94 9.37 -13.47 0.00
CA ILE A 94 10.44 -13.37 1.01
C ILE A 94 11.32 -14.64 0.98
N SER A 95 12.62 -14.46 0.80
CA SER A 95 13.46 -15.65 0.68
CA SER A 95 13.57 -15.55 0.56
C SER A 95 14.67 -15.62 1.62
N SER A 96 14.74 -14.60 2.47
CA SER A 96 15.81 -14.54 3.46
C SER A 96 15.32 -13.74 4.70
N SER A 97 16.08 -13.73 5.79
CA SER A 97 15.62 -13.05 7.02
C SER A 97 15.62 -11.56 6.85
N ILE A 98 14.49 -10.95 7.16
CA ILE A 98 14.34 -9.50 7.19
C ILE A 98 13.98 -9.13 8.61
N LEU A 99 14.80 -8.31 9.25
CA LEU A 99 14.55 -7.97 10.63
C LEU A 99 13.45 -6.97 10.70
N ALA A 100 12.72 -6.99 11.81
CA ALA A 100 11.68 -5.98 12.04
C ALA A 100 12.23 -4.57 11.83
N ASN A 101 11.48 -3.71 11.16
CA ASN A 101 11.85 -2.31 11.06
C ASN A 101 13.24 -2.07 10.36
N SER A 102 13.66 -2.99 9.51
CA SER A 102 14.99 -2.97 8.92
C SER A 102 15.09 -2.29 7.54
N ASN A 103 16.28 -1.82 7.19
CA ASN A 103 16.48 -1.28 5.84
C ASN A 103 16.65 -2.39 4.83
N LEU A 104 16.12 -2.20 3.62
CA LEU A 104 16.30 -3.16 2.56
C LEU A 104 17.51 -2.69 1.75
N VAL A 105 18.62 -3.43 1.80
CA VAL A 105 19.81 -2.92 1.10
C VAL A 105 20.37 -3.64 -0.09
N ASN A 106 19.62 -4.52 -0.71
CA ASN A 106 20.02 -5.11 -1.95
C ASN A 106 20.04 -4.11 -3.10
N ARG A 107 19.06 -3.23 -3.16
CA ARG A 107 18.89 -2.31 -4.27
C ARG A 107 18.16 -1.08 -3.76
N SER A 108 18.64 0.11 -4.06
CA SER A 108 17.89 1.31 -3.69
C SER A 108 16.97 1.78 -4.84
N VAL A 109 15.97 2.59 -4.54
CA VAL A 109 15.12 3.16 -5.59
C VAL A 109 15.86 4.34 -6.18
N PRO A 110 15.92 4.44 -7.51
CA PRO A 110 16.77 5.51 -8.05
C PRO A 110 16.28 6.85 -7.60
N ASN A 111 17.14 7.85 -7.47
CA ASN A 111 16.69 9.17 -7.00
C ASN A 111 15.49 9.76 -7.70
N GLU A 112 15.38 9.56 -9.01
CA GLU A 112 14.30 10.23 -9.72
C GLU A 112 12.90 9.76 -9.33
N PHE A 113 12.83 8.63 -8.66
CA PHE A 113 11.61 8.13 -8.11
C PHE A 113 11.42 8.44 -6.64
N CYS A 114 12.43 9.03 -5.98
CA CYS A 114 12.37 9.21 -4.54
C CYS A 114 11.57 10.45 -4.19
N PRO A 115 10.69 10.35 -3.18
CA PRO A 115 9.87 11.47 -2.70
C PRO A 115 10.64 12.34 -1.75
N ARG A 116 10.18 13.56 -1.53
CA ARG A 116 10.80 14.46 -0.61
C ARG A 116 10.52 14.04 0.87
N ASN A 117 9.33 13.52 1.18
CA ASN A 117 9.08 13.04 2.54
C ASN A 117 8.77 11.56 2.44
N ARG A 118 8.97 10.81 3.52
CA ARG A 118 8.82 9.35 3.50
C ARG A 118 7.40 8.90 3.15
N CYS A 119 7.31 7.90 2.28
CA CYS A 119 6.02 7.41 1.83
C CYS A 119 5.92 6.00 2.28
N SER A 120 4.82 5.69 2.97
CA SER A 120 4.65 4.39 3.59
C SER A 120 3.68 3.56 2.78
N LEU A 121 4.21 2.58 2.07
CA LEU A 121 3.40 1.80 1.18
C LEU A 121 2.87 0.59 1.90
N VAL A 122 1.56 0.55 2.08
CA VAL A 122 0.94 -0.52 2.85
C VAL A 122 0.73 -1.73 1.96
N GLY A 123 1.21 -2.88 2.41
CA GLY A 123 1.12 -4.10 1.63
C GLY A 123 0.43 -5.18 2.45
N HIS A 124 0.14 -6.33 1.85
CA HIS A 124 -0.49 -7.42 2.59
C HIS A 124 0.17 -8.73 2.20
N MET A 125 0.27 -9.66 3.13
CA MET A 125 0.85 -10.97 2.83
C MET A 125 -0.19 -12.00 2.44
N VAL A 126 0.10 -12.80 1.44
CA VAL A 126 -0.88 -13.74 0.96
C VAL A 126 -1.28 -14.79 2.02
N GLY A 127 -2.58 -15.08 2.10
CA GLY A 127 -3.02 -16.23 2.86
C GLY A 127 -3.36 -16.03 4.32
N GLY A 128 -3.31 -14.79 4.79
CA GLY A 128 -3.59 -14.52 6.18
C GLY A 128 -4.15 -13.12 6.29
N TRP A 129 -4.13 -12.56 7.49
CA TRP A 129 -4.59 -11.19 7.70
C TRP A 129 -3.41 -10.23 7.90
N ASN A 130 -2.20 -10.71 7.69
CA ASN A 130 -1.00 -9.92 7.95
C ASN A 130 -0.76 -8.76 7.00
N ALA A 131 -0.64 -7.56 7.57
CA ALA A 131 -0.29 -6.35 6.83
C ALA A 131 1.09 -5.80 7.19
N PHE A 132 1.72 -5.09 6.25
CA PHE A 132 3.04 -4.45 6.48
C PHE A 132 3.14 -3.15 5.71
N HIS A 133 4.27 -2.47 5.80
CA HIS A 133 4.35 -1.22 5.03
C HIS A 133 5.83 -1.07 4.76
N ILE A 134 6.16 -0.50 3.61
CA ILE A 134 7.55 -0.27 3.23
C ILE A 134 7.73 1.21 3.05
N ASP A 135 8.65 1.80 3.78
CA ASP A 135 8.89 3.20 3.59
C ASP A 135 9.91 3.32 2.45
N ILE A 136 9.70 4.31 1.61
CA ILE A 136 10.69 4.70 0.65
CA ILE A 136 10.65 4.72 0.62
C ILE A 136 10.96 6.18 0.94
N PRO A 137 12.21 6.51 1.29
CA PRO A 137 12.58 7.86 1.66
C PRO A 137 13.36 8.57 0.58
N SER A 138 13.75 9.79 0.86
CA SER A 138 14.40 10.60 -0.12
C SER A 138 15.68 9.96 -0.64
N SER A 139 16.28 9.10 0.19
CA SER A 139 17.53 8.46 -0.15
C SER A 139 17.33 7.22 -1.01
N GLY A 140 16.09 6.73 -1.05
CA GLY A 140 15.77 5.53 -1.77
C GLY A 140 16.13 4.22 -1.09
N VAL A 141 16.69 4.28 0.12
CA VAL A 141 16.96 3.06 0.87
C VAL A 141 15.63 2.69 1.58
N CYS A 142 14.92 1.71 1.04
CA CYS A 142 13.61 1.39 1.55
C CYS A 142 13.73 0.68 2.87
N GLN A 143 12.68 0.84 3.68
CA GLN A 143 12.68 0.26 5.00
C GLN A 143 11.43 -0.55 5.24
N TRP A 144 11.62 -1.80 5.62
CA TRP A 144 10.53 -2.71 5.88
C TRP A 144 10.00 -2.52 7.32
N PHE A 145 8.74 -2.14 7.47
CA PHE A 145 8.15 -1.98 8.81
C PHE A 145 7.26 -3.09 9.32
N GLY A 146 7.33 -4.27 8.72
CA GLY A 146 6.57 -5.38 9.24
C GLY A 146 7.42 -5.92 10.37
N PRO A 147 6.99 -7.06 10.96
CA PRO A 147 7.80 -7.71 12.00
C PRO A 147 8.89 -8.47 11.31
N THR A 148 9.74 -9.13 12.08
CA THR A 148 10.79 -9.96 11.53
C THR A 148 10.17 -11.09 10.72
N ALA A 149 10.73 -11.35 9.55
CA ALA A 149 10.12 -12.28 8.58
C ALA A 149 11.15 -13.04 7.76
N SER A 150 10.78 -14.25 7.33
CA SER A 150 11.68 -15.04 6.51
C SER A 150 10.95 -15.82 5.42
N SER A 151 9.66 -15.54 5.26
CA SER A 151 8.88 -16.29 4.27
C SER A 151 7.59 -15.56 3.93
N GLY A 152 6.91 -15.94 2.84
CA GLY A 152 5.67 -15.31 2.47
C GLY A 152 5.68 -14.44 1.22
N THR A 153 4.49 -14.04 0.78
CA THR A 153 4.25 -13.36 -0.48
C THR A 153 3.60 -12.01 -0.23
N PRO A 154 4.39 -10.94 -0.35
CA PRO A 154 3.93 -9.58 -0.13
C PRO A 154 3.35 -8.96 -1.39
N ARG A 155 2.25 -8.22 -1.22
CA ARG A 155 1.57 -7.68 -2.37
C ARG A 155 0.99 -6.32 -2.06
N GLY A 156 0.69 -5.56 -3.09
CA GLY A 156 0.13 -4.25 -2.87
C GLY A 156 0.39 -3.30 -4.03
N THR A 157 -0.70 -2.75 -4.56
CA THR A 157 -0.66 -1.80 -5.66
C THR A 157 -1.27 -0.47 -5.27
N GLY A 158 -0.59 0.62 -5.58
CA GLY A 158 -1.09 1.94 -5.26
C GLY A 158 -0.23 3.00 -5.93
N THR A 159 -0.29 4.21 -5.40
CA THR A 159 0.62 5.25 -5.79
C THR A 159 1.17 6.13 -4.65
N TYR A 160 2.23 6.88 -4.92
CA TYR A 160 2.74 7.81 -3.92
C TYR A 160 3.23 9.00 -4.70
N PRO A 161 3.20 10.19 -4.09
CA PRO A 161 3.66 11.37 -4.82
C PRO A 161 5.13 11.56 -4.60
N ILE A 162 5.70 12.41 -5.43
CA ILE A 162 7.12 12.66 -5.42
C ILE A 162 7.39 13.90 -4.56
N ASP A 163 6.45 14.83 -4.51
CA ASP A 163 6.71 16.13 -3.91
C ASP A 163 5.62 16.63 -2.96
N HIS A 164 5.02 15.72 -2.20
CA HIS A 164 4.04 16.12 -1.21
C HIS A 164 4.70 16.40 0.15
N HIS A 165 4.85 17.69 0.44
CA HIS A 165 5.49 18.16 1.67
C HIS A 165 4.62 17.90 2.89
N HIS A 166 5.07 17.04 3.80
CA HIS A 166 4.27 16.67 4.97
C HIS A 166 3.99 17.81 5.95
N HIS A 167 4.80 18.86 5.94
CA HIS A 167 4.50 20.10 6.67
C HIS A 167 4.26 20.13 8.20
N HIS A 168 5.27 19.72 8.98
CA HIS A 168 5.14 19.81 10.45
C HIS A 168 5.25 18.64 11.47
N HIS A 169 6.44 18.49 12.06
CA HIS A 169 6.63 17.43 13.07
C HIS A 169 6.50 18.20 14.39
N ASN B 34 -5.82 37.67 -28.76
CA ASN B 34 -6.64 36.60 -28.27
C ASN B 34 -6.37 35.37 -29.11
N VAL B 35 -5.14 35.21 -29.53
CA VAL B 35 -4.81 34.13 -30.39
C VAL B 35 -3.73 33.32 -29.76
N VAL B 36 -4.02 32.08 -29.48
CA VAL B 36 -3.01 31.23 -28.93
C VAL B 36 -1.95 31.02 -29.97
N HIS B 37 -0.70 31.23 -29.63
CA HIS B 37 0.37 31.05 -30.59
C HIS B 37 1.11 29.77 -30.38
N LYS B 38 1.94 29.36 -31.31
CA LYS B 38 2.68 28.11 -31.09
C LYS B 38 3.85 28.32 -30.15
N THR B 39 4.14 29.58 -29.84
CA THR B 39 5.25 29.92 -28.96
C THR B 39 4.71 30.97 -28.00
N GLY B 40 5.46 31.21 -26.93
CA GLY B 40 5.13 32.25 -25.97
C GLY B 40 4.29 31.75 -24.80
N ASP B 41 4.47 32.38 -23.65
CA ASP B 41 3.64 32.10 -22.49
C ASP B 41 2.32 32.85 -22.57
N GLU B 42 1.20 32.13 -22.55
CA GLU B 42 -0.07 32.80 -22.67
C GLU B 42 -1.11 32.25 -21.74
N THR B 43 -2.13 33.07 -21.52
CA THR B 43 -3.24 32.71 -20.66
C THR B 43 -4.51 32.60 -21.49
N ILE B 44 -5.14 31.45 -21.36
CA ILE B 44 -6.24 31.07 -22.22
C ILE B 44 -7.49 30.93 -21.38
N ALA B 45 -8.50 31.73 -21.69
CA ALA B 45 -9.79 31.62 -21.01
C ALA B 45 -10.79 30.91 -21.93
N GLY B 46 -11.97 30.64 -21.40
CA GLY B 46 -12.96 29.85 -22.12
C GLY B 46 -12.70 28.36 -21.89
N LYS B 47 -13.67 27.54 -22.27
CA LYS B 47 -13.54 26.09 -22.13
C LYS B 47 -13.07 25.44 -23.41
N LYS B 48 -11.84 24.95 -23.39
CA LYS B 48 -11.24 24.24 -24.50
C LYS B 48 -11.47 22.74 -24.44
N THR B 49 -12.01 22.18 -25.51
CA THR B 49 -12.24 20.75 -25.59
C THR B 49 -11.41 20.16 -26.73
N PHE B 50 -10.45 19.32 -26.39
CA PHE B 50 -9.62 18.71 -27.41
C PHE B 50 -10.23 17.39 -27.82
N THR B 51 -10.60 17.27 -29.10
CA THR B 51 -11.31 16.09 -29.58
C THR B 51 -10.41 14.99 -30.08
N GLY B 52 -9.14 15.31 -30.23
CA GLY B 52 -8.19 14.33 -30.71
C GLY B 52 -7.30 13.95 -29.54
N ASN B 53 -6.04 13.68 -29.86
CA ASN B 53 -5.07 13.31 -28.87
C ASN B 53 -4.19 14.46 -28.43
N VAL B 54 -3.91 14.52 -27.14
CA VAL B 54 -3.05 15.57 -26.62
C VAL B 54 -1.82 14.94 -25.97
N GLU B 55 -0.68 15.62 -26.17
CA GLU B 55 0.61 15.25 -25.63
C GLU B 55 1.22 16.45 -24.97
N VAL B 56 1.69 16.29 -23.73
CA VAL B 56 2.34 17.38 -23.03
C VAL B 56 3.74 16.94 -22.69
N ASN B 57 4.73 17.57 -23.32
CA ASN B 57 6.14 17.20 -23.16
C ASN B 57 6.73 17.66 -21.84
N GLY B 58 6.44 18.89 -21.47
CA GLY B 58 6.94 19.44 -20.22
C GLY B 58 6.20 18.86 -19.04
N SER B 59 5.70 19.74 -18.18
CA SER B 59 4.90 19.24 -17.09
C SER B 59 3.52 19.86 -17.16
N LEU B 60 2.59 19.17 -16.53
CA LEU B 60 1.22 19.60 -16.55
C LEU B 60 0.79 19.82 -15.11
N THR B 61 0.51 21.08 -14.78
CA THR B 61 0.21 21.45 -13.41
C THR B 61 -1.28 21.67 -13.22
N LEU B 62 -1.83 20.98 -12.22
CA LEU B 62 -3.21 21.15 -11.83
C LEU B 62 -3.23 21.91 -10.51
N PRO B 63 -4.41 22.39 -10.09
CA PRO B 63 -4.52 23.18 -8.87
C PRO B 63 -4.17 22.32 -7.66
N THR B 64 -3.31 22.80 -6.80
CA THR B 64 -2.85 22.04 -5.65
CA THR B 64 -2.85 22.06 -5.64
C THR B 64 -3.18 22.80 -4.39
N LYS B 65 -3.39 22.11 -3.29
CA LYS B 65 -3.64 22.74 -2.01
C LYS B 65 -3.38 21.71 -0.94
N SER B 66 -2.74 22.15 0.14
CA SER B 66 -2.29 21.27 1.19
C SER B 66 -2.96 21.58 2.50
N TRP B 67 -3.29 20.55 3.24
CA TRP B 67 -3.71 20.75 4.61
C TRP B 67 -3.07 19.66 5.40
N SER B 68 -3.04 19.82 6.71
CA SER B 68 -2.41 18.85 7.57
C SER B 68 -2.82 19.13 9.00
N GLY B 69 -2.97 18.06 9.78
CA GLY B 69 -3.47 18.23 11.12
C GLY B 69 -3.65 16.94 11.86
N GLU B 70 -3.77 17.09 13.18
CA GLU B 70 -3.99 15.97 14.09
C GLU B 70 -5.47 15.65 14.20
N LEU B 71 -5.87 14.46 13.75
CA LEU B 71 -7.27 14.10 13.75
C LEU B 71 -7.73 13.74 15.18
N GLY B 72 -6.79 13.36 16.04
CA GLY B 72 -7.10 13.02 17.41
C GLY B 72 -6.32 11.78 17.77
N GLY B 73 -6.15 11.53 19.05
CA GLY B 73 -5.47 10.34 19.49
C GLY B 73 -3.98 10.42 19.25
N GLY B 74 -3.54 11.51 18.63
CA GLY B 74 -2.15 11.63 18.22
C GLY B 74 -1.92 11.31 16.75
N ILE B 75 -2.95 10.84 16.08
CA ILE B 75 -2.87 10.48 14.67
C ILE B 75 -2.88 11.72 13.81
N ILE B 76 -1.95 11.80 12.87
CA ILE B 76 -1.78 12.98 12.04
C ILE B 76 -2.19 12.69 10.60
N LEU B 77 -2.87 13.61 9.94
CA LEU B 77 -3.19 13.38 8.54
C LEU B 77 -2.70 14.54 7.67
N SER B 78 -1.89 14.22 6.67
CA SER B 78 -1.38 15.20 5.71
C SER B 78 -2.02 14.97 4.36
N LEU B 79 -2.69 16.00 3.84
CA LEU B 79 -3.45 15.94 2.60
C LEU B 79 -2.96 16.93 1.57
N ARG B 80 -2.94 16.51 0.30
CA ARG B 80 -2.71 17.46 -0.76
C ARG B 80 -3.63 17.20 -1.91
N LYS B 81 -4.42 18.22 -2.22
CA LYS B 81 -5.38 18.16 -3.30
C LYS B 81 -4.68 18.50 -4.60
N LYS B 82 -4.66 17.55 -5.53
CA LYS B 82 -4.17 17.81 -6.89
C LYS B 82 -5.26 17.58 -7.92
N GLY B 83 -5.92 18.63 -8.35
CA GLY B 83 -7.03 18.42 -9.28
C GLY B 83 -8.19 17.81 -8.51
N THR B 84 -8.71 16.68 -8.96
CA THR B 84 -9.74 15.98 -8.21
C THR B 84 -9.22 14.72 -7.50
N THR B 85 -7.91 14.70 -7.24
CA THR B 85 -7.34 13.67 -6.40
C THR B 85 -6.74 14.27 -5.13
N VAL B 86 -7.00 13.65 -3.98
CA VAL B 86 -6.36 14.03 -2.73
C VAL B 86 -5.33 13.00 -2.37
N GLU B 87 -4.09 13.43 -2.24
CA GLU B 87 -3.02 12.57 -1.76
C GLU B 87 -2.93 12.69 -0.26
N TYR B 88 -2.84 11.57 0.43
CA TYR B 88 -2.80 11.62 1.87
C TYR B 88 -1.64 10.79 2.39
N SER B 89 -1.17 11.17 3.58
CA SER B 89 -0.19 10.36 4.28
C SER B 89 -0.53 10.31 5.74
N ILE B 90 -0.60 9.11 6.29
CA ILE B 90 -0.95 9.01 7.69
C ILE B 90 0.30 9.03 8.54
N GLY B 91 0.32 9.86 9.56
CA GLY B 91 1.44 9.84 10.49
C GLY B 91 1.13 9.98 11.98
N GLY B 92 2.14 10.40 12.72
CA GLY B 92 1.97 10.69 14.13
C GLY B 92 2.10 9.45 14.98
N GLU B 93 1.56 9.49 16.20
CA GLU B 93 1.69 8.37 17.10
C GLU B 93 0.58 8.36 18.11
N ILE B 94 -0.09 7.22 18.21
CA ILE B 94 -1.21 7.11 19.12
C ILE B 94 -0.73 7.44 20.53
N SER B 95 -1.28 8.53 21.07
CA SER B 95 -0.86 9.08 22.35
C SER B 95 -2.03 9.10 23.37
N SER B 96 -3.19 8.58 22.96
CA SER B 96 -4.34 8.50 23.85
C SER B 96 -5.12 7.26 23.49
N SER B 97 -6.12 6.94 24.30
CA SER B 97 -7.02 5.84 23.99
C SER B 97 -7.88 6.23 22.78
N ILE B 98 -8.21 5.24 21.96
CA ILE B 98 -9.07 5.48 20.80
C ILE B 98 -10.00 4.28 20.62
N LEU B 99 -11.31 4.48 20.82
CA LEU B 99 -12.27 3.38 20.79
C LEU B 99 -12.49 2.88 19.38
N ALA B 100 -12.76 1.58 19.24
CA ALA B 100 -13.10 1.01 17.95
C ALA B 100 -14.34 1.68 17.38
N ASN B 101 -14.34 1.97 16.08
CA ASN B 101 -15.41 2.76 15.46
C ASN B 101 -15.55 4.19 16.01
N SER B 102 -14.61 4.65 16.84
CA SER B 102 -14.74 5.98 17.44
C SER B 102 -14.48 7.12 16.44
N ASN B 103 -15.16 8.25 16.63
CA ASN B 103 -14.90 9.46 15.86
C ASN B 103 -13.61 10.09 16.33
N LEU B 104 -12.85 10.67 15.41
CA LEU B 104 -11.66 11.43 15.79
C LEU B 104 -12.01 12.92 15.83
N VAL B 105 -12.06 13.50 17.02
CA VAL B 105 -12.64 14.83 17.12
C VAL B 105 -11.66 15.99 17.33
N ASN B 106 -10.36 15.71 17.40
CA ASN B 106 -9.43 16.81 17.62
C ASN B 106 -9.50 17.80 16.48
N ARG B 107 -9.41 17.29 15.25
CA ARG B 107 -9.59 18.11 14.05
C ARG B 107 -10.37 17.42 12.95
N SER B 108 -11.17 18.21 12.24
CA SER B 108 -11.90 17.72 11.08
C SER B 108 -11.20 18.14 9.79
N VAL B 109 -11.24 17.25 8.80
CA VAL B 109 -10.71 17.55 7.49
C VAL B 109 -11.54 18.67 6.87
N PRO B 110 -10.88 19.73 6.39
CA PRO B 110 -11.63 20.87 5.84
C PRO B 110 -12.49 20.49 4.65
N ASN B 111 -13.55 21.24 4.44
CA ASN B 111 -14.49 20.86 3.42
C ASN B 111 -13.86 20.57 2.05
N GLU B 112 -13.00 21.46 1.56
CA GLU B 112 -12.50 21.31 0.20
C GLU B 112 -11.71 20.02 -0.02
N PHE B 113 -11.35 19.36 1.07
CA PHE B 113 -10.67 18.08 0.99
C PHE B 113 -11.59 16.89 1.18
N CYS B 114 -12.85 17.13 1.57
CA CYS B 114 -13.81 16.06 1.84
C CYS B 114 -14.34 15.47 0.54
N PRO B 115 -14.50 14.14 0.50
CA PRO B 115 -15.02 13.40 -0.65
C PRO B 115 -16.54 13.33 -0.70
N ARG B 116 -17.05 12.94 -1.86
CA ARG B 116 -18.47 12.70 -1.99
C ARG B 116 -18.91 11.59 -1.05
N ASN B 117 -18.28 10.43 -1.15
CA ASN B 117 -18.67 9.29 -0.33
C ASN B 117 -17.59 8.96 0.70
N ARG B 118 -17.97 8.20 1.72
CA ARG B 118 -16.97 7.69 2.66
C ARG B 118 -15.82 7.06 1.93
N CYS B 119 -14.62 7.45 2.31
CA CYS B 119 -13.40 6.86 1.77
C CYS B 119 -12.60 6.19 2.88
N SER B 120 -12.21 4.93 2.67
CA SER B 120 -11.59 4.15 3.71
C SER B 120 -10.11 4.17 3.46
N LEU B 121 -9.33 4.84 4.31
CA LEU B 121 -7.88 4.89 4.08
C LEU B 121 -7.17 3.82 4.87
N VAL B 122 -6.57 2.85 4.19
CA VAL B 122 -5.86 1.77 4.86
C VAL B 122 -4.47 2.18 5.40
N GLY B 123 -4.13 1.76 6.61
CA GLY B 123 -2.85 2.14 7.21
C GLY B 123 -2.26 0.93 7.89
N HIS B 124 -1.00 1.01 8.32
CA HIS B 124 -0.37 -0.08 9.07
C HIS B 124 0.44 0.45 10.27
N MET B 125 0.56 -0.35 11.31
CA MET B 125 1.26 0.05 12.52
C MET B 125 2.68 -0.48 12.53
N VAL B 126 3.67 0.40 12.62
CA VAL B 126 5.07 -0.02 12.71
C VAL B 126 5.46 -1.22 13.60
N GLY B 127 6.17 -2.17 13.02
CA GLY B 127 6.68 -3.24 13.86
C GLY B 127 6.01 -4.58 13.96
N GLY B 128 4.78 -4.66 13.45
CA GLY B 128 4.02 -5.90 13.51
C GLY B 128 3.13 -6.03 12.31
N TRP B 129 2.07 -6.81 12.45
CA TRP B 129 1.25 -7.13 11.28
C TRP B 129 -0.10 -6.42 11.31
N ASN B 130 -0.24 -5.45 12.21
CA ASN B 130 -1.54 -4.77 12.31
C ASN B 130 -1.88 -3.77 11.24
N ALA B 131 -3.05 -3.92 10.65
CA ALA B 131 -3.56 -2.91 9.76
C ALA B 131 -4.79 -2.30 10.36
N PHE B 132 -5.03 -1.05 10.02
CA PHE B 132 -6.26 -0.44 10.38
C PHE B 132 -6.81 0.43 9.26
N HIS B 133 -7.87 1.18 9.54
CA HIS B 133 -8.29 2.02 8.42
C HIS B 133 -8.94 3.20 9.04
N ILE B 134 -8.80 4.35 8.38
CA ILE B 134 -9.50 5.55 8.82
C ILE B 134 -10.52 5.96 7.75
N ASP B 135 -11.78 6.12 8.15
CA ASP B 135 -12.78 6.64 7.22
C ASP B 135 -12.80 8.16 7.18
N ILE B 136 -12.90 8.70 5.96
N ILE B 136 -12.88 8.71 5.97
CA ILE B 136 -13.15 10.13 5.78
CA ILE B 136 -13.16 10.13 5.81
C ILE B 136 -14.50 10.29 5.10
C ILE B 136 -14.51 10.29 5.11
N PRO B 137 -15.52 10.71 5.88
CA PRO B 137 -16.87 10.94 5.36
C PRO B 137 -16.95 12.33 4.75
N SER B 138 -18.00 12.61 4.00
CA SER B 138 -18.28 13.96 3.54
C SER B 138 -18.14 15.00 4.65
N SER B 139 -18.53 14.63 5.86
N SER B 139 -18.49 14.62 5.88
CA SER B 139 -18.40 15.48 7.04
CA SER B 139 -18.38 15.53 7.01
C SER B 139 -16.98 16.01 7.29
C SER B 139 -16.96 16.04 7.19
N GLY B 140 -15.99 15.13 7.20
CA GLY B 140 -14.62 15.51 7.50
C GLY B 140 -14.22 15.03 8.88
N VAL B 141 -15.21 14.69 9.69
CA VAL B 141 -14.97 14.02 10.96
C VAL B 141 -14.57 12.57 10.74
N CYS B 142 -13.26 12.33 10.77
CA CYS B 142 -12.73 11.00 10.54
C CYS B 142 -13.07 10.01 11.63
N GLN B 143 -12.94 8.73 11.29
CA GLN B 143 -13.35 7.65 12.18
C GLN B 143 -12.33 6.53 12.13
N TRP B 144 -12.03 5.99 13.29
CA TRP B 144 -11.02 4.95 13.43
C TRP B 144 -11.69 3.60 13.32
N PHE B 145 -11.13 2.69 12.55
CA PHE B 145 -11.75 1.39 12.47
C PHE B 145 -10.78 0.27 12.82
N GLY B 146 -9.79 0.56 13.65
CA GLY B 146 -8.97 -0.57 14.09
C GLY B 146 -9.71 -0.89 15.37
N PRO B 147 -9.20 -1.83 16.17
CA PRO B 147 -9.78 -2.06 17.50
C PRO B 147 -9.43 -0.88 18.36
N THR B 148 -10.03 -0.81 19.54
CA THR B 148 -9.62 0.12 20.60
C THR B 148 -8.11 0.03 20.74
N ALA B 149 -7.45 1.18 20.76
CA ALA B 149 -5.98 1.21 20.72
C ALA B 149 -5.50 2.42 21.46
N SER B 150 -4.34 2.29 22.09
CA SER B 150 -3.82 3.34 22.94
C SER B 150 -2.32 3.50 22.72
N SER B 151 -1.76 2.64 21.88
CA SER B 151 -0.35 2.79 21.47
C SER B 151 -0.12 2.40 20.02
N GLY B 152 1.00 2.88 19.47
CA GLY B 152 1.38 2.50 18.12
C GLY B 152 1.78 3.65 17.23
N THR B 153 2.50 3.33 16.15
CA THR B 153 2.87 4.31 15.13
C THR B 153 2.14 3.98 13.82
N PRO B 154 1.13 4.79 13.49
CA PRO B 154 0.31 4.44 12.36
C PRO B 154 0.90 5.10 11.11
N ARG B 155 0.88 4.39 9.99
CA ARG B 155 1.44 4.92 8.74
C ARG B 155 0.59 4.48 7.56
N GLY B 156 0.63 5.23 6.47
CA GLY B 156 0.04 4.80 5.20
C GLY B 156 -0.09 5.94 4.22
N THR B 157 0.27 5.68 2.97
CA THR B 157 0.20 6.69 1.92
C THR B 157 -0.67 6.25 0.75
N GLY B 158 -1.46 7.16 0.20
CA GLY B 158 -2.32 6.78 -0.90
C GLY B 158 -3.13 7.95 -1.39
N THR B 159 -4.27 7.67 -2.02
CA THR B 159 -5.15 8.72 -2.53
C THR B 159 -6.61 8.34 -2.41
N TYR B 160 -7.47 9.35 -2.46
CA TYR B 160 -8.92 9.13 -2.53
C TYR B 160 -9.44 10.27 -3.40
N PRO B 161 -10.62 10.07 -4.02
CA PRO B 161 -11.22 11.05 -4.93
C PRO B 161 -12.09 12.14 -4.34
N ILE B 162 -12.13 13.28 -5.03
CA ILE B 162 -13.02 14.36 -4.65
C ILE B 162 -14.13 14.12 -5.66
N ASP B 163 -15.14 13.33 -5.25
CA ASP B 163 -16.27 12.87 -6.09
C ASP B 163 -16.16 11.41 -6.56
N GLY C 32 -10.70 34.22 -38.27
CA GLY C 32 -10.38 33.37 -37.13
C GLY C 32 -11.39 32.27 -36.88
N GLY C 33 -11.87 31.65 -37.96
CA GLY C 33 -12.80 30.55 -37.85
C GLY C 33 -12.10 29.33 -37.30
N ASN C 34 -10.85 29.14 -37.71
CA ASN C 34 -10.05 28.01 -37.26
C ASN C 34 -8.88 28.44 -36.41
N VAL C 35 -9.12 29.42 -35.55
CA VAL C 35 -8.11 29.90 -34.64
C VAL C 35 -8.59 29.75 -33.20
N VAL C 36 -7.69 29.29 -32.34
CA VAL C 36 -7.99 29.13 -30.95
C VAL C 36 -7.76 30.46 -30.26
N HIS C 37 -8.78 30.96 -29.57
CA HIS C 37 -8.66 32.22 -28.87
C HIS C 37 -8.49 31.95 -27.38
N LYS C 38 -8.15 32.99 -26.63
CA LYS C 38 -7.95 32.87 -25.19
C LYS C 38 -9.20 33.37 -24.49
N THR C 39 -10.33 33.25 -25.17
CA THR C 39 -11.62 33.57 -24.60
C THR C 39 -12.66 32.80 -25.40
N GLY C 40 -13.66 32.26 -24.72
CA GLY C 40 -14.74 31.56 -25.40
C GLY C 40 -14.57 30.06 -25.39
N ASP C 41 -15.65 29.34 -25.60
CA ASP C 41 -15.60 27.89 -25.61
C ASP C 41 -15.30 27.40 -27.01
N GLU C 42 -14.23 26.64 -27.15
CA GLU C 42 -13.82 26.17 -28.46
C GLU C 42 -13.48 24.71 -28.45
N THR C 43 -13.75 24.07 -29.57
CA THR C 43 -13.49 22.67 -29.76
C THR C 43 -12.31 22.53 -30.69
N ILE C 44 -11.37 21.67 -30.32
CA ILE C 44 -10.09 21.66 -31.01
C ILE C 44 -9.75 20.26 -31.48
N ALA C 45 -9.63 20.12 -32.79
CA ALA C 45 -9.25 18.83 -33.37
C ALA C 45 -7.78 18.83 -33.77
N GLY C 46 -7.27 17.63 -34.05
CA GLY C 46 -5.87 17.49 -34.41
C GLY C 46 -5.08 17.11 -33.19
N LYS C 47 -4.10 16.25 -33.38
CA LYS C 47 -3.15 15.95 -32.34
C LYS C 47 -2.33 17.17 -31.97
N LYS C 48 -2.50 17.66 -30.75
CA LYS C 48 -1.72 18.80 -30.27
C LYS C 48 -0.61 18.36 -29.34
N THR C 49 0.62 18.65 -29.74
CA THR C 49 1.75 18.32 -28.88
C THR C 49 2.29 19.57 -28.16
N PHE C 50 2.07 19.64 -26.85
CA PHE C 50 2.54 20.78 -26.06
C PHE C 50 4.00 20.54 -25.63
N THR C 51 4.93 21.29 -26.24
CA THR C 51 6.35 21.07 -25.92
C THR C 51 6.75 21.77 -24.62
N GLY C 52 6.10 22.88 -24.33
CA GLY C 52 6.32 23.59 -23.08
C GLY C 52 5.61 23.01 -21.87
N ASN C 53 5.18 23.87 -20.97
CA ASN C 53 4.54 23.43 -19.75
C ASN C 53 3.12 23.97 -19.67
N VAL C 54 2.18 23.11 -19.36
CA VAL C 54 0.79 23.49 -19.41
C VAL C 54 0.28 23.59 -18.00
N GLU C 55 -0.34 24.71 -17.67
CA GLU C 55 -0.97 24.88 -16.38
C GLU C 55 -2.47 24.96 -16.63
N VAL C 56 -3.23 24.09 -15.96
CA VAL C 56 -4.69 24.12 -16.00
C VAL C 56 -5.21 24.48 -14.61
N ASN C 57 -5.81 25.67 -14.47
CA ASN C 57 -6.28 26.19 -13.18
C ASN C 57 -7.72 25.83 -12.84
N GLY C 58 -8.58 25.88 -13.86
CA GLY C 58 -9.90 25.30 -13.77
C GLY C 58 -9.73 23.79 -13.70
N SER C 59 -10.65 23.03 -14.30
CA SER C 59 -10.61 21.59 -14.19
C SER C 59 -10.11 20.96 -15.47
N LEU C 60 -9.66 19.72 -15.39
CA LEU C 60 -9.22 19.01 -16.57
C LEU C 60 -9.94 17.68 -16.62
N THR C 61 -10.88 17.57 -17.56
CA THR C 61 -11.69 16.36 -17.68
C THR C 61 -11.17 15.42 -18.77
N LEU C 62 -11.01 14.15 -18.40
CA LEU C 62 -10.64 13.06 -19.30
C LEU C 62 -11.79 12.05 -19.32
N PRO C 63 -11.80 11.13 -20.28
CA PRO C 63 -12.96 10.22 -20.37
C PRO C 63 -13.12 9.38 -19.11
N THR C 64 -14.38 9.21 -18.68
CA THR C 64 -14.72 8.56 -17.42
C THR C 64 -15.81 7.54 -17.62
N LYS C 65 -15.81 6.50 -16.80
CA LYS C 65 -16.83 5.48 -16.82
C LYS C 65 -16.85 4.87 -15.43
N SER C 66 -18.03 4.48 -14.95
CA SER C 66 -18.16 3.89 -13.62
C SER C 66 -18.71 2.46 -13.68
N TRP C 67 -18.27 1.61 -12.77
CA TRP C 67 -18.87 0.30 -12.62
C TRP C 67 -18.94 -0.06 -11.16
N SER C 68 -19.94 -0.85 -10.80
CA SER C 68 -20.04 -1.34 -9.42
C SER C 68 -20.70 -2.70 -9.41
N GLY C 69 -20.12 -3.66 -8.71
CA GLY C 69 -20.70 -4.99 -8.60
C GLY C 69 -20.26 -5.89 -7.44
N GLU C 70 -21.01 -6.95 -7.21
CA GLU C 70 -20.63 -7.89 -6.18
C GLU C 70 -19.69 -8.93 -6.75
N LEU C 71 -18.43 -8.92 -6.33
CA LEU C 71 -17.48 -9.86 -6.88
C LEU C 71 -17.87 -11.27 -6.50
N GLY C 72 -18.28 -11.45 -5.27
CA GLY C 72 -18.51 -12.77 -4.72
C GLY C 72 -18.53 -12.67 -3.20
N GLY C 73 -19.21 -13.60 -2.53
CA GLY C 73 -19.18 -13.67 -1.08
C GLY C 73 -19.68 -12.46 -0.34
N GLY C 74 -20.42 -11.59 -1.02
CA GLY C 74 -20.92 -10.38 -0.39
C GLY C 74 -20.04 -9.16 -0.57
N ILE C 75 -18.90 -9.34 -1.24
CA ILE C 75 -17.96 -8.25 -1.34
C ILE C 75 -18.28 -7.42 -2.56
N ILE C 76 -18.38 -6.10 -2.38
CA ILE C 76 -18.74 -5.23 -3.48
C ILE C 76 -17.59 -4.31 -3.90
N LEU C 77 -17.30 -4.26 -5.19
CA LEU C 77 -16.22 -3.40 -5.69
C LEU C 77 -16.81 -2.31 -6.56
N SER C 78 -16.52 -1.06 -6.21
CA SER C 78 -16.95 0.06 -7.03
C SER C 78 -15.74 0.73 -7.67
N LEU C 79 -15.77 0.87 -8.99
CA LEU C 79 -14.70 1.45 -9.80
C LEU C 79 -15.15 2.72 -10.55
N ARG C 80 -14.21 3.61 -10.84
CA ARG C 80 -14.45 4.77 -11.69
C ARG C 80 -13.17 5.01 -12.41
N LYS C 81 -13.24 4.88 -13.72
N LYS C 81 -13.20 4.87 -13.72
CA LYS C 81 -12.18 5.18 -14.64
CA LYS C 81 -12.02 5.10 -14.54
C LYS C 81 -12.03 6.65 -14.97
C LYS C 81 -11.98 6.56 -14.97
N LYS C 82 -10.82 7.17 -14.83
CA LYS C 82 -10.58 8.50 -15.38
C LYS C 82 -9.26 8.39 -16.12
N GLY C 83 -9.30 8.53 -17.43
CA GLY C 83 -8.11 8.35 -18.25
C GLY C 83 -7.57 6.95 -18.09
N THR C 84 -6.31 6.85 -17.67
CA THR C 84 -5.67 5.56 -17.51
C THR C 84 -5.61 5.13 -16.05
N THR C 85 -6.43 5.73 -15.20
CA THR C 85 -6.46 5.34 -13.81
C THR C 85 -7.84 4.88 -13.39
N VAL C 86 -7.92 3.77 -12.68
CA VAL C 86 -9.14 3.36 -12.01
C VAL C 86 -9.14 3.64 -10.49
N GLU C 87 -10.12 4.43 -10.06
CA GLU C 87 -10.38 4.64 -8.64
C GLU C 87 -11.24 3.49 -8.18
N TYR C 88 -10.81 2.79 -7.15
CA TYR C 88 -11.62 1.74 -6.58
C TYR C 88 -12.06 1.97 -5.14
N SER C 89 -13.08 1.23 -4.74
CA SER C 89 -13.55 1.35 -3.37
C SER C 89 -14.14 -0.01 -3.09
N ILE C 90 -13.60 -0.70 -2.09
CA ILE C 90 -14.08 -2.00 -1.62
CA ILE C 90 -14.16 -1.99 -1.69
C ILE C 90 -15.19 -1.83 -0.56
N GLY C 91 -16.34 -2.51 -0.70
CA GLY C 91 -17.45 -2.41 0.24
C GLY C 91 -18.19 -3.72 0.38
N GLY C 92 -19.42 -3.65 0.86
CA GLY C 92 -20.16 -4.86 1.14
C GLY C 92 -19.86 -5.39 2.53
N GLU C 93 -20.26 -6.63 2.73
CA GLU C 93 -20.23 -7.28 4.01
C GLU C 93 -20.14 -8.74 3.63
N ILE C 94 -19.16 -9.44 4.19
CA ILE C 94 -18.99 -10.83 3.81
C ILE C 94 -20.20 -11.63 4.28
N SER C 95 -20.75 -12.46 3.40
CA SER C 95 -22.00 -13.15 3.73
C SER C 95 -21.98 -14.66 3.46
N SER C 96 -20.79 -15.26 3.27
CA SER C 96 -20.69 -16.71 3.12
C SER C 96 -19.23 -17.12 3.13
N SER C 97 -18.96 -18.43 3.05
CA SER C 97 -17.60 -18.94 3.15
C SER C 97 -16.82 -18.49 1.94
N ILE C 98 -15.69 -17.81 2.16
CA ILE C 98 -14.79 -17.47 1.06
C ILE C 98 -13.48 -18.18 1.31
N LEU C 99 -13.16 -19.20 0.53
CA LEU C 99 -11.96 -19.96 0.84
C LEU C 99 -10.74 -19.06 0.65
N ALA C 100 -9.71 -19.29 1.45
CA ALA C 100 -8.48 -18.55 1.29
C ALA C 100 -7.99 -18.62 -0.17
N ASN C 101 -7.45 -17.53 -0.69
CA ASN C 101 -6.87 -17.52 -2.01
C ASN C 101 -7.85 -17.98 -3.11
N SER C 102 -9.15 -17.78 -2.89
CA SER C 102 -10.17 -18.23 -3.82
C SER C 102 -10.69 -17.21 -4.86
N ASN C 103 -11.10 -17.69 -6.02
CA ASN C 103 -11.67 -16.74 -7.01
C ASN C 103 -13.07 -16.30 -6.57
N LEU C 104 -13.33 -15.00 -6.66
CA LEU C 104 -14.65 -14.43 -6.44
C LEU C 104 -15.43 -14.56 -7.77
N VAL C 105 -16.46 -15.40 -7.79
CA VAL C 105 -17.09 -15.76 -9.05
C VAL C 105 -18.56 -15.45 -9.10
N ASN C 106 -18.95 -14.35 -8.51
CA ASN C 106 -20.29 -13.87 -8.71
C ASN C 106 -20.33 -13.00 -9.94
N ARG C 107 -19.60 -11.89 -9.92
CA ARG C 107 -19.49 -11.05 -11.10
CA ARG C 107 -19.50 -11.06 -11.12
C ARG C 107 -18.02 -10.80 -11.40
N SER C 108 -17.65 -10.76 -12.68
CA SER C 108 -16.29 -10.48 -13.10
C SER C 108 -16.26 -9.03 -13.57
N VAL C 109 -15.12 -8.38 -13.49
CA VAL C 109 -15.02 -6.94 -13.81
C VAL C 109 -14.92 -6.71 -15.34
N PRO C 110 -15.78 -5.83 -15.89
CA PRO C 110 -15.82 -5.63 -17.35
C PRO C 110 -14.46 -5.23 -17.88
N ASN C 111 -14.18 -5.63 -19.12
CA ASN C 111 -12.87 -5.51 -19.70
C ASN C 111 -12.21 -4.17 -19.63
N GLU C 112 -12.96 -3.08 -19.80
CA GLU C 112 -12.26 -1.80 -19.88
C GLU C 112 -11.75 -1.33 -18.53
N PHE C 113 -12.15 -1.99 -17.45
CA PHE C 113 -11.61 -1.67 -16.13
C PHE C 113 -10.50 -2.60 -15.78
N CYS C 114 -10.24 -3.58 -16.64
CA CYS C 114 -9.19 -4.53 -16.30
C CYS C 114 -7.79 -4.04 -16.65
N PRO C 115 -6.87 -4.16 -15.68
CA PRO C 115 -5.46 -3.81 -15.82
C PRO C 115 -4.69 -4.76 -16.73
N ARG C 116 -3.48 -4.38 -17.15
CA ARG C 116 -2.60 -5.20 -17.98
C ARG C 116 -1.97 -6.29 -17.14
N ASN C 117 -1.56 -5.93 -15.93
CA ASN C 117 -1.04 -6.89 -14.97
C ASN C 117 -1.91 -6.96 -13.75
N ARG C 118 -1.72 -8.02 -12.97
CA ARG C 118 -2.40 -8.17 -11.72
C ARG C 118 -2.19 -6.98 -10.83
N CYS C 119 -3.26 -6.36 -10.35
CA CYS C 119 -3.14 -5.33 -9.35
C CYS C 119 -3.67 -5.82 -8.03
N SER C 120 -2.96 -5.50 -6.94
CA SER C 120 -3.33 -6.02 -5.61
C SER C 120 -3.92 -4.95 -4.72
N LEU C 121 -5.23 -5.03 -4.54
CA LEU C 121 -5.97 -4.00 -3.83
C LEU C 121 -6.04 -4.33 -2.35
N VAL C 122 -5.29 -3.57 -1.54
CA VAL C 122 -5.15 -3.85 -0.13
C VAL C 122 -6.34 -3.30 0.65
N GLY C 123 -6.86 -4.09 1.57
CA GLY C 123 -8.02 -3.65 2.29
C GLY C 123 -7.98 -4.12 3.71
N HIS C 124 -8.94 -3.65 4.50
CA HIS C 124 -8.91 -3.89 5.92
C HIS C 124 -10.28 -4.23 6.46
N MET C 125 -10.34 -5.16 7.41
CA MET C 125 -11.60 -5.54 8.05
C MET C 125 -11.95 -4.66 9.24
N VAL C 126 -13.08 -3.97 9.17
CA VAL C 126 -13.60 -3.23 10.32
C VAL C 126 -13.50 -3.91 11.69
N GLY C 127 -13.18 -3.12 12.70
CA GLY C 127 -13.15 -3.62 14.07
C GLY C 127 -12.05 -4.54 14.58
N GLY C 128 -10.98 -4.67 13.82
CA GLY C 128 -9.85 -5.45 14.26
C GLY C 128 -8.60 -5.01 13.52
N TRP C 129 -7.59 -5.86 13.46
CA TRP C 129 -6.32 -5.44 12.89
C TRP C 129 -6.15 -6.09 11.54
N ASN C 130 -7.11 -6.94 11.17
CA ASN C 130 -6.95 -7.80 10.00
C ASN C 130 -6.97 -7.10 8.64
N ALA C 131 -6.08 -7.56 7.76
CA ALA C 131 -5.95 -6.97 6.43
C ALA C 131 -6.09 -8.06 5.40
N PHE C 132 -6.54 -7.69 4.21
CA PHE C 132 -6.57 -8.64 3.12
C PHE C 132 -6.32 -7.90 1.80
N HIS C 133 -6.18 -8.66 0.72
CA HIS C 133 -6.03 -7.95 -0.54
C HIS C 133 -6.78 -8.75 -1.54
N ILE C 134 -7.29 -8.07 -2.55
CA ILE C 134 -7.98 -8.69 -3.64
C ILE C 134 -7.22 -8.33 -4.92
N ASP C 135 -6.80 -9.34 -5.66
CA ASP C 135 -6.18 -9.12 -6.96
C ASP C 135 -7.18 -9.01 -8.06
N ILE C 136 -7.00 -8.03 -8.94
CA ILE C 136 -7.92 -7.96 -10.06
C ILE C 136 -6.94 -8.20 -11.19
N PRO C 137 -7.19 -9.26 -11.96
CA PRO C 137 -6.27 -9.58 -13.03
C PRO C 137 -6.80 -9.11 -14.38
N SER C 138 -6.06 -9.42 -15.43
CA SER C 138 -6.45 -9.12 -16.80
C SER C 138 -7.83 -9.59 -17.13
N SER C 139 -8.15 -10.79 -16.67
CA SER C 139 -9.44 -11.42 -16.87
C SER C 139 -10.59 -10.76 -16.12
N GLY C 140 -10.32 -9.88 -15.16
CA GLY C 140 -11.42 -9.33 -14.38
C GLY C 140 -12.01 -10.26 -13.31
N VAL C 141 -11.53 -11.51 -13.28
CA VAL C 141 -11.89 -12.44 -12.23
C VAL C 141 -11.08 -12.15 -10.99
N CYS C 142 -11.65 -11.34 -10.11
CA CYS C 142 -10.96 -10.94 -8.91
C CYS C 142 -10.75 -12.09 -7.94
N GLN C 143 -9.78 -11.95 -7.05
CA GLN C 143 -9.34 -13.10 -6.28
C GLN C 143 -8.96 -12.69 -4.87
N TRP C 144 -9.46 -13.47 -3.90
CA TRP C 144 -9.36 -13.15 -2.48
C TRP C 144 -8.10 -13.76 -1.88
N PHE C 145 -7.25 -12.93 -1.32
CA PHE C 145 -6.00 -13.43 -0.77
C PHE C 145 -5.91 -13.34 0.74
N GLY C 146 -7.07 -13.23 1.40
CA GLY C 146 -7.18 -13.34 2.84
C GLY C 146 -7.26 -14.81 3.22
N PRO C 147 -7.47 -15.11 4.52
CA PRO C 147 -7.69 -16.53 4.82
C PRO C 147 -9.12 -16.84 4.52
N THR C 148 -9.52 -18.10 4.70
CA THR C 148 -10.93 -18.46 4.66
C THR C 148 -11.65 -17.61 5.70
N ALA C 149 -12.77 -17.05 5.31
CA ALA C 149 -13.48 -16.10 6.15
C ALA C 149 -14.95 -16.19 5.80
N SER C 150 -15.82 -15.88 6.76
CA SER C 150 -17.26 -15.99 6.52
C SER C 150 -18.08 -14.86 7.10
N SER C 151 -17.41 -13.81 7.57
CA SER C 151 -18.12 -12.65 8.09
C SER C 151 -17.23 -11.42 8.04
N GLY C 152 -17.77 -10.27 8.38
CA GLY C 152 -16.97 -9.07 8.44
C GLY C 152 -17.26 -7.99 7.40
N THR C 153 -16.78 -6.78 7.69
CA THR C 153 -16.95 -5.66 6.81
C THR C 153 -15.60 -5.31 6.16
N PRO C 154 -15.44 -5.60 4.87
CA PRO C 154 -14.17 -5.32 4.18
C PRO C 154 -14.12 -3.92 3.57
N ARG C 155 -13.03 -3.20 3.77
CA ARG C 155 -12.97 -1.86 3.25
C ARG C 155 -11.59 -1.46 2.71
N GLY C 156 -11.58 -0.39 1.90
CA GLY C 156 -10.36 0.11 1.28
C GLY C 156 -10.56 0.90 -0.02
N THR C 157 -10.01 2.11 -0.02
CA THR C 157 -10.09 3.03 -1.16
C THR C 157 -8.68 3.29 -1.76
N GLY C 158 -8.55 3.32 -3.08
CA GLY C 158 -7.25 3.50 -3.75
C GLY C 158 -7.41 3.62 -5.27
N THR C 159 -6.30 3.51 -6.00
CA THR C 159 -6.33 3.48 -7.46
C THR C 159 -5.39 2.44 -8.07
N TYR C 160 -5.64 2.04 -9.31
CA TYR C 160 -4.70 1.12 -9.96
C TYR C 160 -4.69 1.56 -11.42
N PRO C 161 -3.65 1.20 -12.15
CA PRO C 161 -3.47 1.70 -13.50
C PRO C 161 -4.03 0.80 -14.54
N ILE C 162 -4.50 1.41 -15.62
CA ILE C 162 -4.96 0.61 -16.73
C ILE C 162 -3.92 0.33 -17.79
N ASP C 163 -3.34 1.35 -18.41
CA ASP C 163 -2.20 1.14 -19.30
C ASP C 163 -1.64 -0.26 -19.17
N SER D 12 29.50 -24.64 8.27
CA SER D 12 29.69 -23.51 7.37
C SER D 12 28.58 -23.48 6.34
N ASP D 13 28.69 -24.45 5.44
CA ASP D 13 27.73 -24.74 4.41
C ASP D 13 26.59 -25.59 4.97
N LEU D 14 26.93 -26.62 5.76
CA LEU D 14 25.88 -27.37 6.47
C LEU D 14 24.98 -26.46 7.30
N GLY D 15 25.59 -25.49 7.96
CA GLY D 15 24.86 -24.54 8.78
C GLY D 15 23.92 -23.71 7.94
N LYS D 16 24.39 -23.23 6.80
CA LYS D 16 23.56 -22.40 5.95
C LYS D 16 22.48 -23.27 5.38
N LYS D 17 22.85 -24.49 5.01
CA LYS D 17 21.87 -25.41 4.46
C LYS D 17 20.82 -25.74 5.49
N LEU D 18 21.19 -25.86 6.75
CA LEU D 18 20.18 -26.20 7.75
C LEU D 18 19.26 -25.02 7.94
N LEU D 19 19.83 -23.82 8.00
CA LEU D 19 19.00 -22.63 8.21
C LEU D 19 17.93 -22.52 7.12
N GLU D 20 18.33 -22.68 5.87
CA GLU D 20 17.36 -22.61 4.77
C GLU D 20 16.31 -23.70 4.84
N ALA D 21 16.72 -24.94 5.08
CA ALA D 21 15.79 -26.07 5.18
C ALA D 21 14.75 -25.86 6.30
N ALA D 22 15.20 -25.34 7.43
CA ALA D 22 14.31 -25.14 8.56
C ALA D 22 13.33 -24.04 8.18
N ARG D 23 13.85 -22.98 7.57
CA ARG D 23 13.05 -21.86 7.12
C ARG D 23 11.99 -22.29 6.11
N ALA D 24 12.37 -23.22 5.24
CA ALA D 24 11.56 -23.58 4.07
C ALA D 24 10.70 -24.80 4.39
N GLY D 25 10.90 -25.38 5.56
CA GLY D 25 10.15 -26.56 5.96
C GLY D 25 10.48 -27.88 5.29
N GLN D 26 11.72 -28.08 4.88
CA GLN D 26 12.08 -29.37 4.32
C GLN D 26 12.43 -30.30 5.44
N ASP D 27 11.40 -30.96 5.95
CA ASP D 27 11.56 -31.86 7.09
C ASP D 27 12.75 -32.79 6.92
N ASP D 28 12.83 -33.48 5.81
CA ASP D 28 13.86 -34.50 5.67
C ASP D 28 15.24 -33.90 5.50
N GLU D 29 15.30 -32.75 4.83
CA GLU D 29 16.58 -32.05 4.70
C GLU D 29 17.12 -31.78 6.09
N VAL D 30 16.30 -31.12 6.91
CA VAL D 30 16.64 -30.89 8.29
C VAL D 30 17.21 -32.15 8.94
N ARG D 31 16.46 -33.23 8.86
CA ARG D 31 16.86 -34.46 9.49
C ARG D 31 18.24 -34.86 8.99
N ILE D 32 18.40 -35.04 7.67
CA ILE D 32 19.66 -35.55 7.16
C ILE D 32 20.84 -34.60 7.41
N LEU D 33 20.57 -33.31 7.38
CA LEU D 33 21.65 -32.36 7.52
C LEU D 33 22.24 -32.45 8.91
N MET D 34 21.37 -32.43 9.91
CA MET D 34 21.79 -32.65 11.29
C MET D 34 22.54 -33.97 11.47
N ALA D 35 22.04 -35.05 10.90
CA ALA D 35 22.77 -36.28 11.05
C ALA D 35 24.15 -36.03 10.44
N ASN D 36 24.21 -35.33 9.33
CA ASN D 36 25.48 -35.06 8.69
C ASN D 36 26.43 -34.17 9.47
N GLY D 37 25.92 -33.43 10.45
CA GLY D 37 26.82 -32.68 11.30
C GLY D 37 26.49 -31.22 11.35
N ALA D 38 25.35 -30.83 10.83
CA ALA D 38 24.98 -29.40 10.88
C ALA D 38 24.69 -28.94 12.29
N ASP D 39 25.07 -27.72 12.62
CA ASP D 39 24.92 -27.24 13.96
C ASP D 39 23.49 -26.77 14.22
N VAL D 40 22.80 -27.47 15.12
CA VAL D 40 21.41 -27.12 15.45
C VAL D 40 21.27 -25.66 15.74
N ASN D 41 22.37 -25.04 16.16
CA ASN D 41 22.23 -23.67 16.63
C ASN D 41 22.97 -22.61 15.79
N ALA D 42 23.04 -22.84 14.49
CA ALA D 42 23.79 -21.97 13.59
C ALA D 42 22.97 -20.71 13.60
N GLU D 43 23.57 -19.57 13.27
CA GLU D 43 22.81 -18.32 13.16
C GLU D 43 23.08 -17.67 11.82
N ASP D 44 22.07 -17.05 11.25
CA ASP D 44 22.34 -16.25 10.08
C ASP D 44 22.87 -14.88 10.50
N LYS D 45 23.09 -14.02 9.52
CA LYS D 45 23.72 -12.71 9.70
C LYS D 45 22.99 -11.83 10.65
N VAL D 46 21.68 -12.06 10.80
CA VAL D 46 20.92 -11.22 11.72
C VAL D 46 20.54 -11.98 12.99
N GLY D 47 21.16 -13.14 13.19
CA GLY D 47 21.03 -13.79 14.48
C GLY D 47 19.89 -14.77 14.63
N LEU D 48 19.21 -15.09 13.53
CA LEU D 48 18.14 -16.10 13.57
C LEU D 48 18.70 -17.50 13.48
N THR D 49 18.12 -18.40 14.27
CA THR D 49 18.54 -19.80 14.31
C THR D 49 17.55 -20.63 13.54
N PRO D 50 17.88 -21.91 13.33
CA PRO D 50 16.91 -22.76 12.67
C PRO D 50 15.62 -22.83 13.49
N LEU D 51 15.70 -22.75 14.82
CA LEU D 51 14.50 -22.85 15.64
C LEU D 51 13.65 -21.63 15.40
N HIS D 52 14.26 -20.46 15.39
CA HIS D 52 13.49 -19.25 15.08
C HIS D 52 12.81 -19.44 13.73
N LEU D 53 13.61 -19.85 12.73
CA LEU D 53 13.12 -19.84 11.35
C LEU D 53 11.98 -20.84 11.22
N ALA D 54 12.18 -22.05 11.74
CA ALA D 54 11.17 -23.06 11.64
C ALA D 54 9.93 -22.69 12.43
N ALA D 55 10.09 -22.07 13.61
CA ALA D 55 8.92 -21.77 14.41
C ALA D 55 8.11 -20.68 13.75
N MET D 56 8.82 -19.64 13.29
CA MET D 56 8.15 -18.44 12.80
C MET D 56 7.34 -18.76 11.58
N ASN D 57 7.71 -19.84 10.92
CA ASN D 57 7.05 -20.23 9.71
C ASN D 57 6.08 -21.40 9.94
N ASP D 58 5.75 -21.67 11.19
CA ASP D 58 4.78 -22.71 11.54
C ASP D 58 5.15 -24.12 11.07
N HIS D 59 6.40 -24.52 11.24
CA HIS D 59 6.78 -25.89 10.94
C HIS D 59 7.03 -26.66 12.20
N LEU D 60 5.96 -27.27 12.71
CA LEU D 60 5.92 -27.95 14.00
C LEU D 60 6.83 -29.17 14.09
N GLU D 61 6.78 -30.07 13.12
CA GLU D 61 7.67 -31.23 13.20
C GLU D 61 9.11 -30.77 13.27
N ILE D 62 9.45 -29.77 12.47
CA ILE D 62 10.85 -29.33 12.47
C ILE D 62 11.23 -28.77 13.83
N VAL D 63 10.48 -27.80 14.31
CA VAL D 63 10.64 -27.33 15.68
C VAL D 63 10.88 -28.51 16.62
N GLU D 64 10.00 -29.49 16.57
CA GLU D 64 10.11 -30.61 17.50
C GLU D 64 11.47 -31.25 17.32
N VAL D 65 11.84 -31.54 16.09
CA VAL D 65 13.09 -32.25 15.87
C VAL D 65 14.31 -31.44 16.28
N LEU D 66 14.24 -30.13 16.11
CA LEU D 66 15.34 -29.27 16.44
C LEU D 66 15.52 -29.30 17.93
N LEU D 67 14.44 -29.14 18.67
CA LEU D 67 14.52 -29.21 20.14
C LEU D 67 15.07 -30.55 20.61
N LYS D 68 14.59 -31.62 20.01
CA LYS D 68 15.07 -32.94 20.36
C LYS D 68 16.60 -33.04 20.18
N ASN D 69 17.14 -32.36 19.17
CA ASN D 69 18.57 -32.32 18.92
C ASN D 69 19.27 -31.21 19.70
N GLY D 70 18.59 -30.62 20.66
CA GLY D 70 19.27 -29.70 21.55
C GLY D 70 19.34 -28.30 21.01
N ALA D 71 18.31 -27.91 20.27
CA ALA D 71 18.15 -26.53 19.85
C ALA D 71 17.92 -25.61 21.04
N ASP D 72 18.39 -24.39 20.93
CA ASP D 72 18.41 -23.45 22.01
C ASP D 72 17.11 -22.66 22.09
N VAL D 73 16.23 -23.04 23.02
CA VAL D 73 14.91 -22.42 23.13
C VAL D 73 14.91 -20.95 23.37
N ASN D 74 15.96 -20.44 24.00
CA ASN D 74 16.00 -19.00 24.24
C ASN D 74 17.08 -18.26 23.46
N ALA D 75 17.43 -18.79 22.28
CA ALA D 75 18.33 -18.11 21.35
C ALA D 75 17.71 -16.77 21.04
N ILE D 76 18.50 -15.73 21.02
CA ILE D 76 18.00 -14.45 20.52
C ILE D 76 18.74 -14.00 19.25
N ASP D 77 18.04 -13.22 18.45
CA ASP D 77 18.56 -12.69 17.20
C ASP D 77 19.10 -11.30 17.45
N ALA D 78 19.45 -10.58 16.40
CA ALA D 78 20.24 -9.35 16.60
C ALA D 78 19.47 -8.26 17.32
N ILE D 79 18.15 -8.38 17.38
CA ILE D 79 17.37 -7.41 18.13
C ILE D 79 16.64 -8.02 19.31
N GLY D 80 17.19 -9.11 19.84
CA GLY D 80 16.76 -9.64 21.12
C GLY D 80 15.49 -10.47 21.06
N GLU D 81 15.11 -10.98 19.88
CA GLU D 81 13.91 -11.78 19.78
C GLU D 81 14.18 -13.27 19.96
N THR D 82 13.38 -13.94 20.76
CA THR D 82 13.47 -15.39 20.90
C THR D 82 12.50 -15.97 19.94
N PRO D 83 12.56 -17.28 19.74
CA PRO D 83 11.56 -17.98 18.95
C PRO D 83 10.18 -17.61 19.47
N LEU D 84 10.00 -17.62 20.80
CA LEU D 84 8.70 -17.28 21.39
C LEU D 84 8.18 -15.93 20.92
N HIS D 85 9.04 -14.92 20.95
CA HIS D 85 8.64 -13.61 20.45
C HIS D 85 7.99 -13.75 19.09
N LEU D 86 8.61 -14.57 18.25
CA LEU D 86 8.24 -14.65 16.84
C LEU D 86 6.91 -15.39 16.71
N VAL D 87 6.77 -16.57 17.33
CA VAL D 87 5.50 -17.30 17.25
C VAL D 87 4.38 -16.54 17.93
N ALA D 88 4.73 -15.66 18.85
CA ALA D 88 3.71 -14.82 19.43
C ALA D 88 3.22 -13.87 18.39
N MET D 89 4.16 -13.27 17.68
CA MET D 89 3.82 -12.27 16.68
C MET D 89 3.05 -12.87 15.54
N TYR D 90 3.31 -14.14 15.21
CA TYR D 90 2.63 -14.78 14.07
C TYR D 90 1.40 -15.53 14.50
N GLY D 91 1.27 -15.76 15.81
CA GLY D 91 0.12 -16.47 16.33
C GLY D 91 0.09 -17.96 16.06
N HIS D 92 1.24 -18.64 16.08
CA HIS D 92 1.20 -20.10 15.93
C HIS D 92 1.07 -20.75 17.30
N LEU D 93 -0.13 -20.74 17.83
CA LEU D 93 -0.30 -21.26 19.18
C LEU D 93 0.26 -22.63 19.53
N GLU D 94 0.21 -23.57 18.61
CA GLU D 94 0.67 -24.90 18.98
C GLU D 94 2.19 -24.91 19.05
N ILE D 95 2.84 -24.08 18.26
CA ILE D 95 4.29 -23.93 18.42
C ILE D 95 4.59 -23.20 19.73
N VAL D 96 3.78 -22.20 20.06
CA VAL D 96 3.93 -21.51 21.36
C VAL D 96 3.97 -22.49 22.55
N GLU D 97 3.12 -23.49 22.49
CA GLU D 97 3.05 -24.45 23.57
C GLU D 97 4.28 -25.34 23.61
N VAL D 98 4.69 -25.85 22.46
CA VAL D 98 5.87 -26.71 22.44
C VAL D 98 7.09 -25.96 23.01
N LEU D 99 7.18 -24.66 22.73
CA LEU D 99 8.33 -23.89 23.20
C LEU D 99 8.29 -23.77 24.72
N LEU D 100 7.11 -23.47 25.26
CA LEU D 100 7.02 -23.29 26.70
C LEU D 100 7.30 -24.62 27.38
N LYS D 101 6.82 -25.71 26.79
CA LYS D 101 7.10 -27.05 27.31
C LYS D 101 8.61 -27.36 27.34
N HIS D 102 9.42 -26.61 26.58
CA HIS D 102 10.87 -26.81 26.58
C HIS D 102 11.62 -25.70 27.32
N GLY D 103 10.89 -24.97 28.14
CA GLY D 103 11.50 -23.98 29.00
C GLY D 103 11.72 -22.68 28.31
N ALA D 104 10.94 -22.40 27.28
CA ALA D 104 11.04 -21.10 26.65
C ALA D 104 10.86 -20.08 27.75
N ASP D 105 11.64 -19.00 27.74
CA ASP D 105 11.49 -18.03 28.82
C ASP D 105 10.41 -17.01 28.59
N VAL D 106 9.23 -17.20 29.16
CA VAL D 106 8.13 -16.32 28.85
C VAL D 106 8.44 -14.86 29.13
N ASN D 107 9.53 -14.60 29.85
CA ASN D 107 9.84 -13.25 30.34
C ASN D 107 10.85 -12.49 29.50
N ALA D 108 11.49 -13.19 28.58
CA ALA D 108 12.53 -12.58 27.78
C ALA D 108 12.07 -11.23 27.21
N GLN D 109 12.92 -10.24 27.25
CA GLN D 109 12.55 -8.93 26.71
C GLN D 109 13.32 -8.73 25.42
N ASP D 110 12.66 -8.26 24.36
CA ASP D 110 13.38 -7.97 23.12
C ASP D 110 13.92 -6.59 23.32
N LYS D 111 14.30 -5.92 22.24
CA LYS D 111 15.05 -4.68 22.33
C LYS D 111 14.19 -3.46 22.66
N PHE D 112 12.88 -3.59 22.50
CA PHE D 112 12.00 -2.50 22.82
C PHE D 112 11.31 -2.91 24.11
N GLY D 113 12.00 -3.75 24.88
CA GLY D 113 11.46 -4.27 26.12
C GLY D 113 10.05 -4.81 25.95
N LYS D 114 9.81 -5.48 24.82
CA LYS D 114 8.55 -6.18 24.62
C LYS D 114 8.75 -7.65 24.95
N THR D 115 7.78 -8.22 25.64
CA THR D 115 7.75 -9.64 25.89
C THR D 115 6.63 -10.25 25.04
N ALA D 116 6.61 -11.57 24.97
CA ALA D 116 5.61 -12.28 24.19
C ALA D 116 4.21 -11.85 24.60
N PHE D 117 3.99 -11.60 25.88
CA PHE D 117 2.71 -11.13 26.37
C PHE D 117 2.40 -9.73 25.88
N ASP D 118 3.36 -8.82 25.91
CA ASP D 118 3.17 -7.51 25.29
C ASP D 118 2.71 -7.62 23.82
N ILE D 119 3.15 -8.67 23.12
CA ILE D 119 2.81 -8.82 21.72
C ILE D 119 1.38 -9.31 21.65
N SER D 120 1.02 -10.23 22.54
CA SER D 120 -0.34 -10.72 22.57
C SER D 120 -1.30 -9.57 22.82
N ILE D 121 -0.84 -8.54 23.52
CA ILE D 121 -1.73 -7.43 23.82
C ILE D 121 -1.82 -6.54 22.60
N ASP D 122 -0.67 -6.26 21.99
CA ASP D 122 -0.61 -5.36 20.85
C ASP D 122 -1.45 -5.87 19.70
N ASN D 123 -1.47 -7.18 19.50
CA ASN D 123 -2.16 -7.78 18.35
C ASN D 123 -3.52 -8.33 18.75
N GLY D 124 -3.95 -7.95 19.95
CA GLY D 124 -5.20 -8.39 20.50
C GLY D 124 -5.53 -9.85 20.30
N ASN D 125 -4.53 -10.70 20.28
CA ASN D 125 -4.78 -12.13 20.26
C ASN D 125 -5.20 -12.63 21.64
N GLU D 126 -6.49 -12.82 21.86
CA GLU D 126 -6.97 -13.18 23.18
C GLU D 126 -6.59 -14.61 23.59
N ASP D 127 -6.64 -15.55 22.65
CA ASP D 127 -6.28 -16.94 22.91
C ASP D 127 -4.84 -17.05 23.42
N LEU D 128 -3.93 -16.37 22.72
CA LEU D 128 -2.51 -16.42 23.02
C LEU D 128 -2.22 -15.81 24.37
N ALA D 129 -2.79 -14.64 24.62
CA ALA D 129 -2.64 -14.04 25.92
C ALA D 129 -3.21 -15.02 26.95
N GLU D 130 -4.35 -15.62 26.64
CA GLU D 130 -4.91 -16.60 27.55
C GLU D 130 -3.80 -17.52 28.00
N ILE D 131 -3.17 -18.21 27.08
CA ILE D 131 -2.21 -19.24 27.48
C ILE D 131 -0.94 -18.67 28.06
N LEU D 132 -0.46 -17.57 27.49
CA LEU D 132 0.68 -16.89 28.08
C LEU D 132 0.38 -16.57 29.53
N GLN D 133 -0.71 -15.84 29.75
CA GLN D 133 -1.05 -15.35 31.08
C GLN D 133 -1.01 -16.50 32.05
N LYS D 134 -1.86 -17.48 31.81
CA LYS D 134 -1.91 -18.70 32.60
C LYS D 134 -0.54 -19.07 33.14
N LEU D 135 0.40 -19.24 32.23
CA LEU D 135 1.78 -19.52 32.58
C LEU D 135 2.48 -18.24 33.02
#